data_7MYM
#
_entry.id   7MYM
#
_cell.length_a   65.470
_cell.length_b   113.397
_cell.length_c   216.578
_cell.angle_alpha   90.000
_cell.angle_beta   90.000
_cell.angle_gamma   90.000
#
_symmetry.space_group_name_H-M   'C 2 2 21'
#
loop_
_entity.id
_entity.type
_entity.pdbx_description
1 polymer 'Dihydrofolate reductase'
2 non-polymer ARGININE
3 non-polymer 'NADP NICOTINAMIDE-ADENINE-DINUCLEOTIDE PHOSPHATE'
4 non-polymer TRIMETHOPRIM
5 non-polymer 'SULFATE ION'
6 water water
#
_entity_poly.entity_id   1
_entity_poly.type   'polypeptide(L)'
_entity_poly.pdbx_seq_one_letter_code
;MISLIAALAVDRVIGMENAMPWNLPADLAWFKRNTLNKPVIMGRHTWESIGRPLPGRKNIILSSQPGTDDRVTWVKSVDE
AIAACGDVPEIMVIGGGRVYEQFLPKAQKLYLTHIDAEVEGDTHFPDYEPDDWESVFSEFHDADAQNSHSYCFEILERR
;
_entity_poly.pdbx_strand_id   A,C,B
#
loop_
_chem_comp.id
_chem_comp.type
_chem_comp.name
_chem_comp.formula
NAP non-polymer 'NADP NICOTINAMIDE-ADENINE-DINUCLEOTIDE PHOSPHATE' 'C21 H28 N7 O17 P3'
SO4 non-polymer 'SULFATE ION' 'O4 S -2'
TOP non-polymer TRIMETHOPRIM 'C14 H18 N4 O3'
#
# COMPACT_ATOMS: atom_id res chain seq x y z
N MET A 1 0.87 -3.81 19.59
CA MET A 1 1.01 -4.06 18.13
C MET A 1 2.49 -3.94 17.74
N ILE A 2 3.11 -5.08 17.39
CA ILE A 2 4.52 -5.17 16.91
C ILE A 2 4.51 -5.24 15.38
N SER A 3 5.31 -4.40 14.74
CA SER A 3 5.48 -4.29 13.27
C SER A 3 6.95 -4.54 12.94
N LEU A 4 7.22 -5.30 11.88
CA LEU A 4 8.55 -5.30 11.21
C LEU A 4 8.49 -4.25 10.09
N ILE A 5 9.59 -3.53 9.88
CA ILE A 5 9.84 -2.65 8.69
C ILE A 5 11.23 -2.98 8.10
N ALA A 6 11.28 -3.21 6.78
CA ALA A 6 12.50 -3.60 6.04
C ALA A 6 12.43 -3.09 4.59
N ALA A 7 13.54 -3.31 3.88
CA ALA A 7 13.77 -3.04 2.45
C ALA A 7 14.43 -4.29 1.84
N LEU A 8 13.69 -5.03 1.00
CA LEU A 8 14.16 -6.30 0.41
C LEU A 8 14.33 -6.09 -1.08
N ALA A 9 15.58 -6.14 -1.57
CA ALA A 9 15.88 -6.39 -2.99
C ALA A 9 15.57 -7.86 -3.28
N VAL A 10 15.65 -8.25 -4.56
CA VAL A 10 15.29 -9.60 -5.08
C VAL A 10 15.81 -10.68 -4.12
N ASP A 11 15.15 -11.85 -4.08
CA ASP A 11 15.59 -13.04 -3.29
C ASP A 11 15.67 -12.68 -1.80
N ARG A 12 14.96 -11.62 -1.37
CA ARG A 12 14.76 -11.21 0.05
C ARG A 12 16.09 -10.80 0.71
N VAL A 13 16.96 -10.10 -0.01
CA VAL A 13 18.30 -9.67 0.50
C VAL A 13 18.13 -8.33 1.22
N ILE A 14 18.66 -8.22 2.45
CA ILE A 14 18.47 -7.05 3.36
C ILE A 14 19.81 -6.37 3.68
N GLY A 15 20.95 -7.08 3.64
CA GLY A 15 22.28 -6.49 3.92
C GLY A 15 23.48 -7.32 3.45
N MET A 16 24.62 -6.64 3.30
CA MET A 16 25.92 -7.20 2.82
C MET A 16 27.07 -6.46 3.50
N GLU A 17 27.88 -7.21 4.28
CA GLU A 17 29.05 -6.72 5.06
C GLU A 17 28.54 -5.70 6.09
N ASN A 18 27.40 -5.99 6.71
CA ASN A 18 26.81 -5.14 7.76
C ASN A 18 26.48 -3.75 7.20
N ALA A 19 26.07 -3.69 5.92
CA ALA A 19 25.47 -2.52 5.24
C ALA A 19 24.22 -2.97 4.47
N MET A 20 23.54 -2.01 3.85
CA MET A 20 22.50 -2.26 2.82
C MET A 20 23.10 -1.90 1.46
N PRO A 21 23.23 -2.85 0.51
CA PRO A 21 23.86 -2.55 -0.77
C PRO A 21 22.99 -1.78 -1.79
N TRP A 22 22.68 -0.48 -1.58
CA TRP A 22 21.83 0.28 -2.53
C TRP A 22 21.90 1.81 -2.42
N ASN A 23 21.68 2.37 -1.23
CA ASN A 23 21.52 3.84 -1.01
C ASN A 23 20.31 4.36 -1.79
N LEU A 24 19.12 4.29 -1.19
CA LEU A 24 17.84 4.79 -1.74
C LEU A 24 17.25 5.83 -0.79
N PRO A 25 17.60 7.13 -0.93
CA PRO A 25 17.16 8.17 0.02
C PRO A 25 15.66 8.13 0.37
N ALA A 26 14.83 7.78 -0.61
CA ALA A 26 13.36 7.75 -0.52
C ALA A 26 12.92 6.58 0.36
N ASP A 27 13.69 5.49 0.39
CA ASP A 27 13.50 4.38 1.37
C ASP A 27 13.84 4.86 2.78
N LEU A 28 14.99 5.49 2.93
CA LEU A 28 15.47 5.96 4.25
C LEU A 28 14.50 7.03 4.76
N ALA A 29 13.74 7.66 3.86
CA ALA A 29 12.75 8.73 4.17
C ALA A 29 11.40 8.09 4.50
N TRP A 30 11.02 7.03 3.79
CA TRP A 30 9.85 6.18 4.11
C TRP A 30 10.03 5.65 5.53
N PHE A 31 11.14 4.95 5.74
CA PHE A 31 11.53 4.34 7.03
C PHE A 31 11.34 5.39 8.14
N LYS A 32 11.79 6.61 7.90
CA LYS A 32 11.71 7.70 8.90
C LYS A 32 10.23 8.03 9.18
N ARG A 33 9.46 8.44 8.16
CA ARG A 33 8.03 8.86 8.28
C ARG A 33 7.22 7.86 9.10
N ASN A 34 7.55 6.57 9.04
CA ASN A 34 6.78 5.48 9.71
C ASN A 34 7.32 5.26 11.14
N THR A 35 8.65 5.13 11.30
CA THR A 35 9.32 4.79 12.59
C THR A 35 9.29 6.01 13.51
N LEU A 36 9.30 7.21 12.95
CA LEU A 36 9.39 8.48 13.72
C LEU A 36 8.29 8.51 14.76
N ASN A 37 8.64 8.94 15.98
CA ASN A 37 7.71 9.13 17.13
C ASN A 37 7.27 7.79 17.71
N LYS A 38 8.02 6.71 17.51
CA LYS A 38 7.68 5.38 18.09
C LYS A 38 8.94 4.61 18.42
N PRO A 39 8.96 3.90 19.57
CA PRO A 39 10.00 2.90 19.83
C PRO A 39 10.51 2.14 18.59
N VAL A 40 11.83 1.93 18.54
CA VAL A 40 12.52 1.11 17.51
C VAL A 40 13.43 0.09 18.22
N ILE A 41 13.23 -1.19 17.92
CA ILE A 41 14.06 -2.30 18.45
C ILE A 41 15.01 -2.73 17.32
N MET A 42 16.28 -3.01 17.64
CA MET A 42 17.31 -3.41 16.66
C MET A 42 18.38 -4.30 17.28
N GLY A 43 19.05 -5.11 16.46
CA GLY A 43 20.20 -5.93 16.86
C GLY A 43 21.45 -5.09 16.93
N ARG A 44 22.52 -5.61 17.55
CA ARG A 44 23.76 -4.85 17.84
C ARG A 44 24.44 -4.52 16.49
N HIS A 45 24.68 -5.55 15.66
CA HIS A 45 25.20 -5.42 14.27
C HIS A 45 24.52 -4.22 13.59
N THR A 46 23.18 -4.19 13.55
CA THR A 46 22.39 -3.09 12.92
C THR A 46 22.64 -1.76 13.65
N TRP A 47 22.80 -1.78 14.98
CA TRP A 47 23.06 -0.57 15.80
C TRP A 47 24.40 0.07 15.39
N GLU A 48 25.36 -0.79 15.01
CA GLU A 48 26.71 -0.40 14.56
C GLU A 48 26.62 0.10 13.11
N SER A 49 26.09 -0.73 12.21
CA SER A 49 25.74 -0.32 10.84
C SER A 49 25.19 1.11 10.90
N ILE A 50 24.09 1.35 11.62
CA ILE A 50 23.52 2.73 11.75
C ILE A 50 24.55 3.60 12.47
N GLY A 51 25.06 3.13 13.62
CA GLY A 51 26.20 3.72 14.36
C GLY A 51 25.90 5.10 14.94
N ARG A 52 24.63 5.39 15.23
CA ARG A 52 24.20 6.67 15.85
C ARG A 52 22.78 6.45 16.35
N PRO A 53 22.31 7.17 17.40
CA PRO A 53 20.93 7.06 17.84
C PRO A 53 20.08 7.80 16.80
N LEU A 54 18.91 7.23 16.50
CA LEU A 54 17.87 7.86 15.65
C LEU A 54 17.12 8.86 16.52
N PRO A 55 17.05 10.15 16.11
CA PRO A 55 16.28 11.14 16.86
C PRO A 55 14.79 10.82 16.76
N GLY A 56 13.95 11.45 17.58
CA GLY A 56 12.50 11.17 17.64
C GLY A 56 12.23 9.87 18.37
N ARG A 57 12.96 8.80 18.05
CA ARG A 57 12.60 7.40 18.41
C ARG A 57 13.31 7.00 19.69
N LYS A 58 12.63 6.36 20.63
CA LYS A 58 13.34 5.66 21.76
C LYS A 58 14.10 4.47 21.17
N ASN A 59 15.43 4.52 21.11
CA ASN A 59 16.25 3.43 20.49
C ASN A 59 16.42 2.31 21.54
N ILE A 60 16.05 1.07 21.21
CA ILE A 60 16.18 -0.10 22.12
C ILE A 60 17.02 -1.15 21.41
N ILE A 61 18.06 -1.68 22.06
CA ILE A 61 19.09 -2.50 21.37
C ILE A 61 19.22 -3.86 22.04
N LEU A 62 19.13 -4.92 21.24
CA LEU A 62 19.26 -6.33 21.70
C LEU A 62 20.72 -6.74 21.60
N SER A 63 21.33 -7.11 22.73
CA SER A 63 22.70 -7.68 22.84
C SER A 63 22.81 -8.49 24.16
N SER A 64 23.52 -9.63 24.09
CA SER A 64 23.76 -10.53 25.25
C SER A 64 24.90 -10.00 26.13
N GLN A 65 25.62 -8.96 25.69
CA GLN A 65 26.76 -8.33 26.43
C GLN A 65 26.42 -6.89 26.80
N PRO A 66 27.06 -6.31 27.84
N PRO A 66 27.06 -6.31 27.84
CA PRO A 66 26.80 -4.94 28.28
CA PRO A 66 26.78 -4.94 28.29
C PRO A 66 26.78 -3.86 27.18
C PRO A 66 26.78 -3.87 27.19
N GLY A 67 26.03 -2.79 27.44
CA GLY A 67 25.90 -1.66 26.51
C GLY A 67 27.17 -0.83 26.46
N THR A 68 27.43 -0.18 25.32
CA THR A 68 28.60 0.69 25.03
C THR A 68 28.10 2.08 24.58
N ASP A 69 26.89 2.46 24.98
CA ASP A 69 26.32 3.79 24.63
C ASP A 69 25.18 4.07 25.61
N ASP A 70 25.25 5.24 26.26
CA ASP A 70 24.39 5.66 27.40
C ASP A 70 23.11 6.31 26.86
N ARG A 71 23.13 6.82 25.63
CA ARG A 71 22.01 7.58 25.01
C ARG A 71 21.05 6.63 24.28
N VAL A 72 21.29 5.31 24.35
CA VAL A 72 20.29 4.26 23.93
C VAL A 72 20.08 3.25 25.07
N THR A 73 18.90 2.65 25.11
CA THR A 73 18.52 1.52 25.99
C THR A 73 19.09 0.19 25.45
N TRP A 74 19.57 -0.67 26.35
CA TRP A 74 20.17 -1.99 26.04
C TRP A 74 19.43 -3.10 26.80
N VAL A 75 19.26 -4.26 26.17
CA VAL A 75 18.33 -5.34 26.60
C VAL A 75 18.86 -6.67 26.05
N LYS A 76 18.45 -7.79 26.63
CA LYS A 76 19.17 -9.09 26.47
C LYS A 76 18.21 -10.20 26.02
N SER A 77 16.90 -9.95 26.07
CA SER A 77 15.82 -10.91 25.67
C SER A 77 14.75 -10.16 24.88
N VAL A 78 13.95 -10.90 24.11
CA VAL A 78 12.89 -10.33 23.23
C VAL A 78 11.89 -9.58 24.12
N ASP A 79 11.43 -10.20 25.22
CA ASP A 79 10.40 -9.63 26.12
C ASP A 79 10.92 -8.34 26.76
N GLU A 80 12.19 -8.35 27.22
CA GLU A 80 12.83 -7.17 27.86
C GLU A 80 12.74 -6.02 26.86
N ALA A 81 12.95 -6.32 25.56
CA ALA A 81 13.00 -5.34 24.45
C ALA A 81 11.61 -4.73 24.24
N ILE A 82 10.58 -5.56 24.41
CA ILE A 82 9.17 -5.15 24.23
C ILE A 82 8.81 -4.20 25.39
N ALA A 83 9.01 -4.65 26.63
CA ALA A 83 8.68 -3.92 27.89
C ALA A 83 9.34 -2.53 27.86
N ALA A 84 10.61 -2.51 27.45
CA ALA A 84 11.39 -1.29 27.17
C ALA A 84 10.48 -0.26 26.49
N CYS A 85 9.75 -0.67 25.45
CA CYS A 85 9.06 0.27 24.51
C CYS A 85 7.98 1.03 25.26
N GLY A 86 7.29 0.32 26.14
CA GLY A 86 6.29 0.86 27.08
C GLY A 86 4.88 0.49 26.70
N ASP A 87 3.95 1.39 27.00
CA ASP A 87 2.52 1.30 26.64
C ASP A 87 2.31 2.25 25.46
N VAL A 88 2.40 1.74 24.23
CA VAL A 88 2.37 2.54 22.98
C VAL A 88 1.46 1.86 21.98
N PRO A 89 0.86 2.63 21.04
CA PRO A 89 0.05 2.04 19.98
C PRO A 89 0.85 0.96 19.23
N GLU A 90 2.04 1.34 18.74
CA GLU A 90 2.80 0.57 17.72
C GLU A 90 4.28 0.60 18.07
N ILE A 91 4.88 -0.59 18.09
CA ILE A 91 6.34 -0.87 18.18
C ILE A 91 6.88 -1.08 16.76
N MET A 92 8.17 -0.90 16.53
CA MET A 92 8.77 -0.95 15.17
C MET A 92 10.11 -1.70 15.22
N VAL A 93 10.12 -2.98 14.85
CA VAL A 93 11.39 -3.75 14.69
C VAL A 93 12.10 -3.28 13.42
N ILE A 94 13.20 -2.55 13.54
CA ILE A 94 13.90 -1.94 12.37
C ILE A 94 15.12 -2.80 11.98
N GLY A 95 15.25 -4.02 12.51
CA GLY A 95 16.23 -5.01 12.03
C GLY A 95 17.25 -5.40 13.10
N GLY A 96 18.24 -6.23 12.75
CA GLY A 96 18.45 -6.76 11.40
C GLY A 96 17.85 -8.16 11.23
N GLY A 97 18.50 -9.01 10.45
CA GLY A 97 17.99 -10.31 9.98
C GLY A 97 17.68 -11.27 11.10
N ARG A 98 18.60 -11.49 12.05
CA ARG A 98 18.41 -12.42 13.20
C ARG A 98 17.29 -11.90 14.12
N VAL A 99 17.09 -10.58 14.20
CA VAL A 99 16.00 -9.93 14.98
C VAL A 99 14.65 -10.27 14.34
N TYR A 100 14.52 -10.01 13.03
CA TYR A 100 13.33 -10.30 12.19
C TYR A 100 12.90 -11.77 12.34
N GLU A 101 13.85 -12.72 12.28
CA GLU A 101 13.61 -14.19 12.48
C GLU A 101 12.81 -14.42 13.76
N GLN A 102 13.05 -13.61 14.80
CA GLN A 102 12.53 -13.80 16.17
C GLN A 102 11.23 -13.02 16.38
N PHE A 103 11.03 -11.89 15.69
CA PHE A 103 9.93 -10.94 15.97
C PHE A 103 8.76 -11.10 14.99
N LEU A 104 8.79 -12.08 14.08
CA LEU A 104 7.75 -12.25 13.02
C LEU A 104 6.47 -12.83 13.62
N PRO A 105 6.49 -13.98 14.35
CA PRO A 105 5.30 -14.49 15.02
C PRO A 105 4.48 -13.46 15.81
N LYS A 106 5.12 -12.50 16.50
CA LYS A 106 4.38 -11.50 17.32
C LYS A 106 3.93 -10.31 16.46
N ALA A 107 4.45 -10.23 15.22
CA ALA A 107 4.23 -9.11 14.27
C ALA A 107 2.80 -9.16 13.73
N GLN A 108 2.12 -8.02 13.64
CA GLN A 108 0.74 -7.92 13.09
C GLN A 108 0.70 -7.07 11.80
N LYS A 109 1.85 -6.58 11.37
CA LYS A 109 1.95 -5.54 10.31
C LYS A 109 3.38 -5.58 9.77
N LEU A 110 3.54 -5.60 8.44
CA LEU A 110 4.84 -5.48 7.73
C LEU A 110 4.89 -4.18 6.94
N TYR A 111 6.01 -3.48 6.98
CA TYR A 111 6.29 -2.39 6.02
C TYR A 111 7.49 -2.81 5.19
N LEU A 112 7.22 -3.30 3.98
CA LEU A 112 8.28 -3.73 3.04
C LEU A 112 8.53 -2.58 2.05
N THR A 113 9.77 -2.50 1.58
CA THR A 113 10.20 -1.72 0.41
C THR A 113 10.75 -2.76 -0.57
N HIS A 114 9.93 -3.18 -1.52
CA HIS A 114 10.37 -4.10 -2.60
C HIS A 114 11.28 -3.31 -3.55
N ILE A 115 12.48 -3.84 -3.83
CA ILE A 115 13.55 -3.17 -4.63
C ILE A 115 13.84 -4.02 -5.88
N ASP A 116 13.62 -3.41 -7.05
CA ASP A 116 13.95 -3.98 -8.38
C ASP A 116 15.48 -3.91 -8.51
N ALA A 117 16.18 -4.87 -7.94
CA ALA A 117 17.66 -4.93 -7.89
C ALA A 117 18.15 -6.34 -7.55
N GLU A 118 19.28 -6.74 -8.18
CA GLU A 118 20.00 -8.03 -7.98
C GLU A 118 21.33 -7.73 -7.28
N VAL A 119 21.41 -7.97 -5.97
CA VAL A 119 22.62 -7.72 -5.13
C VAL A 119 23.05 -9.03 -4.49
N GLU A 120 24.36 -9.24 -4.34
CA GLU A 120 24.96 -10.22 -3.40
C GLU A 120 24.61 -9.76 -1.98
N GLY A 121 24.29 -10.70 -1.07
CA GLY A 121 24.03 -10.38 0.34
C GLY A 121 24.25 -11.55 1.27
N ASP A 122 24.73 -11.27 2.49
CA ASP A 122 24.95 -12.28 3.57
C ASP A 122 23.69 -12.43 4.43
N THR A 123 22.85 -11.38 4.51
CA THR A 123 21.65 -11.29 5.39
C THR A 123 20.35 -11.26 4.57
N HIS A 124 19.37 -12.09 4.96
CA HIS A 124 18.07 -12.26 4.27
C HIS A 124 16.89 -11.93 5.20
N PHE A 125 15.88 -11.22 4.69
CA PHE A 125 14.58 -11.07 5.38
C PHE A 125 14.01 -12.48 5.54
N PRO A 126 13.28 -12.80 6.65
CA PRO A 126 12.66 -14.12 6.79
C PRO A 126 11.76 -14.51 5.62
N ASP A 127 11.29 -15.76 5.57
CA ASP A 127 10.31 -16.25 4.57
C ASP A 127 8.89 -16.13 5.15
N TYR A 128 8.23 -14.98 4.95
CA TYR A 128 6.82 -14.72 5.38
C TYR A 128 5.89 -15.50 4.44
N GLU A 129 4.85 -16.11 5.02
CA GLU A 129 3.85 -16.95 4.31
C GLU A 129 2.78 -16.05 3.69
N PRO A 130 2.80 -15.77 2.36
CA PRO A 130 1.91 -14.77 1.77
C PRO A 130 0.40 -15.03 1.99
N ASP A 131 0.04 -16.19 2.57
CA ASP A 131 -1.33 -16.52 3.04
C ASP A 131 -1.67 -15.68 4.27
N ASP A 132 -0.87 -15.80 5.34
CA ASP A 132 -1.16 -15.21 6.68
C ASP A 132 -0.99 -13.68 6.66
N TRP A 133 -0.76 -13.10 5.49
CA TRP A 133 -0.57 -11.63 5.31
C TRP A 133 -1.48 -11.10 4.21
N GLU A 134 -2.15 -9.97 4.45
CA GLU A 134 -3.10 -9.30 3.52
C GLU A 134 -2.51 -7.94 3.12
N SER A 135 -2.23 -7.72 1.83
CA SER A 135 -1.68 -6.44 1.30
C SER A 135 -2.74 -5.35 1.38
N VAL A 136 -2.54 -4.35 2.24
CA VAL A 136 -3.54 -3.30 2.54
C VAL A 136 -3.15 -2.01 1.84
N PHE A 137 -2.05 -2.01 1.08
CA PHE A 137 -1.42 -0.79 0.53
C PHE A 137 -0.20 -1.19 -0.29
N SER A 138 0.03 -0.43 -1.37
CA SER A 138 1.17 -0.56 -2.30
C SER A 138 1.37 0.78 -3.01
N GLU A 139 2.60 1.04 -3.44
CA GLU A 139 3.01 2.31 -4.08
C GLU A 139 4.36 2.08 -4.75
N PHE A 140 4.34 2.13 -6.08
CA PHE A 140 5.51 1.95 -6.98
C PHE A 140 6.03 3.33 -7.36
N HIS A 141 7.36 3.49 -7.34
N HIS A 141 7.35 3.49 -7.33
CA HIS A 141 8.10 4.67 -7.85
CA HIS A 141 8.10 4.67 -7.85
C HIS A 141 9.16 4.20 -8.86
C HIS A 141 9.15 4.18 -8.86
N ASP A 142 9.37 4.96 -9.93
CA ASP A 142 10.40 4.67 -10.97
C ASP A 142 11.78 5.01 -10.40
N ALA A 143 12.86 4.56 -11.05
CA ALA A 143 14.24 5.02 -10.78
C ALA A 143 14.34 6.50 -11.14
N ASP A 144 14.93 7.34 -10.27
CA ASP A 144 15.24 8.77 -10.56
C ASP A 144 16.73 9.02 -10.28
N ALA A 145 17.14 10.30 -10.22
CA ALA A 145 18.55 10.73 -10.02
C ALA A 145 19.13 10.03 -8.79
N GLN A 146 18.61 10.36 -7.59
CA GLN A 146 19.04 9.81 -6.26
C GLN A 146 18.68 8.32 -6.15
N ASN A 147 17.53 7.91 -6.68
CA ASN A 147 16.96 6.57 -6.40
C ASN A 147 17.28 5.63 -7.57
N SER A 148 18.57 5.33 -7.73
CA SER A 148 19.22 4.43 -8.72
C SER A 148 18.32 3.27 -9.20
N HIS A 149 17.61 2.58 -8.31
CA HIS A 149 16.69 1.46 -8.66
C HIS A 149 15.23 1.87 -8.43
N SER A 150 14.30 1.30 -9.20
CA SER A 150 12.84 1.39 -8.90
C SER A 150 12.58 0.53 -7.67
N TYR A 151 11.53 0.86 -6.93
CA TYR A 151 11.13 0.26 -5.64
C TYR A 151 9.61 0.35 -5.49
N CYS A 152 9.05 -0.40 -4.55
CA CYS A 152 7.61 -0.30 -4.22
C CYS A 152 7.38 -0.57 -2.73
N PHE A 153 6.89 0.45 -2.02
CA PHE A 153 6.42 0.31 -0.61
C PHE A 153 5.20 -0.61 -0.61
N GLU A 154 5.11 -1.49 0.38
CA GLU A 154 3.93 -2.34 0.60
C GLU A 154 3.69 -2.36 2.09
N ILE A 155 2.47 -2.14 2.55
CA ILE A 155 2.05 -2.54 3.93
C ILE A 155 1.16 -3.78 3.85
N LEU A 156 1.43 -4.77 4.68
CA LEU A 156 0.60 -5.99 4.88
C LEU A 156 0.07 -6.02 6.33
N GLU A 157 -0.92 -6.89 6.58
CA GLU A 157 -1.66 -7.01 7.86
C GLU A 157 -1.99 -8.48 8.09
N ARG A 158 -1.78 -8.97 9.30
CA ARG A 158 -2.03 -10.40 9.65
C ARG A 158 -3.55 -10.61 9.77
N MET B 1 -0.68 6.60 -32.82
CA MET B 1 -0.22 6.16 -31.48
C MET B 1 0.26 4.70 -31.55
N ILE B 2 1.57 4.50 -31.55
CA ILE B 2 2.24 3.18 -31.41
C ILE B 2 2.58 2.96 -29.92
N SER B 3 2.13 1.87 -29.33
CA SER B 3 2.50 1.46 -27.96
C SER B 3 3.43 0.26 -28.06
N LEU B 4 4.24 0.08 -27.02
CA LEU B 4 5.00 -1.17 -26.75
C LEU B 4 4.40 -1.79 -25.49
N ILE B 5 4.24 -3.11 -25.48
CA ILE B 5 3.87 -3.86 -24.26
C ILE B 5 4.91 -4.96 -24.06
N ALA B 6 5.40 -5.11 -22.81
CA ALA B 6 6.47 -6.07 -22.43
C ALA B 6 6.40 -6.45 -20.95
N ALA B 7 7.19 -7.47 -20.61
CA ALA B 7 7.43 -8.03 -19.26
C ALA B 7 8.94 -8.07 -18.99
N LEU B 8 9.39 -7.18 -18.10
CA LEU B 8 10.80 -6.96 -17.72
C LEU B 8 11.04 -7.50 -16.31
N ALA B 9 11.82 -8.57 -16.20
CA ALA B 9 12.48 -9.00 -14.94
C ALA B 9 13.64 -8.02 -14.68
N VAL B 10 14.40 -8.24 -13.62
CA VAL B 10 15.51 -7.35 -13.18
C VAL B 10 16.54 -7.24 -14.31
N ASP B 11 17.08 -6.03 -14.52
CA ASP B 11 18.14 -5.72 -15.53
C ASP B 11 17.51 -5.72 -16.93
N ARG B 12 16.19 -5.53 -17.02
CA ARG B 12 15.43 -5.30 -18.27
C ARG B 12 15.47 -6.53 -19.21
N VAL B 13 15.56 -7.72 -18.62
CA VAL B 13 15.67 -9.04 -19.33
C VAL B 13 14.28 -9.43 -19.84
N ILE B 14 14.11 -9.67 -21.14
CA ILE B 14 12.78 -9.95 -21.77
C ILE B 14 12.67 -11.43 -22.19
N GLY B 15 13.77 -12.17 -22.38
CA GLY B 15 13.66 -13.59 -22.81
C GLY B 15 14.97 -14.34 -22.88
N MET B 16 14.87 -15.68 -22.99
CA MET B 16 15.99 -16.66 -23.06
C MET B 16 15.57 -17.89 -23.86
N GLU B 17 16.24 -18.14 -25.01
CA GLU B 17 16.12 -19.34 -25.89
C GLU B 17 14.76 -19.33 -26.62
N ASN B 18 14.29 -18.16 -27.05
CA ASN B 18 12.97 -17.96 -27.72
C ASN B 18 11.84 -18.27 -26.74
N ALA B 19 11.99 -17.91 -25.46
CA ALA B 19 10.90 -17.92 -24.45
C ALA B 19 11.08 -16.73 -23.51
N MET B 20 10.14 -16.59 -22.57
CA MET B 20 10.28 -15.71 -21.38
C MET B 20 10.56 -16.65 -20.21
N PRO B 21 11.77 -16.63 -19.62
CA PRO B 21 12.17 -17.64 -18.63
C PRO B 21 11.45 -17.53 -17.28
N TRP B 22 10.13 -17.30 -17.31
CA TRP B 22 9.20 -17.20 -16.15
C TRP B 22 7.82 -17.69 -16.60
N ASN B 23 6.89 -17.88 -15.66
CA ASN B 23 5.55 -18.44 -16.01
C ASN B 23 4.42 -17.73 -15.27
N LEU B 24 4.10 -16.50 -15.64
CA LEU B 24 3.10 -15.63 -14.96
C LEU B 24 1.80 -15.57 -15.76
N PRO B 25 0.78 -16.40 -15.42
CA PRO B 25 -0.54 -16.26 -16.01
C PRO B 25 -1.06 -14.81 -16.01
N ALA B 26 -0.90 -14.12 -14.88
CA ALA B 26 -1.54 -12.82 -14.56
C ALA B 26 -1.00 -11.72 -15.45
N ASP B 27 0.20 -11.93 -16.02
CA ASP B 27 0.80 -11.06 -17.06
C ASP B 27 0.14 -11.33 -18.42
N LEU B 28 0.19 -12.57 -18.91
N LEU B 28 0.19 -12.57 -18.91
CA LEU B 28 -0.42 -12.99 -20.19
CA LEU B 28 -0.43 -13.01 -20.19
C LEU B 28 -1.88 -12.51 -20.25
C LEU B 28 -1.88 -12.52 -20.24
N ALA B 29 -2.54 -12.39 -19.08
CA ALA B 29 -3.90 -11.85 -18.91
C ALA B 29 -3.88 -10.36 -19.23
N TRP B 30 -3.08 -9.60 -18.46
N TRP B 30 -3.06 -9.61 -18.48
CA TRP B 30 -2.81 -8.15 -18.66
CA TRP B 30 -2.81 -8.15 -18.66
C TRP B 30 -2.48 -7.91 -20.15
C TRP B 30 -2.45 -7.89 -20.13
N PHE B 31 -1.63 -8.76 -20.72
CA PHE B 31 -1.18 -8.65 -22.13
C PHE B 31 -2.42 -8.71 -23.01
N LYS B 32 -3.20 -9.76 -22.84
CA LYS B 32 -4.41 -10.02 -23.65
C LYS B 32 -5.34 -8.81 -23.50
N ARG B 33 -5.71 -8.48 -22.27
CA ARG B 33 -6.76 -7.46 -22.03
C ARG B 33 -6.32 -6.15 -22.70
N ASN B 34 -5.02 -5.98 -23.00
CA ASN B 34 -4.51 -4.69 -23.54
C ASN B 34 -4.13 -4.81 -25.02
N THR B 35 -4.21 -6.00 -25.63
CA THR B 35 -3.97 -6.21 -27.09
C THR B 35 -5.28 -6.50 -27.82
N LEU B 36 -6.29 -7.01 -27.11
CA LEU B 36 -7.57 -7.47 -27.73
C LEU B 36 -8.22 -6.29 -28.45
N ASN B 37 -8.52 -6.50 -29.74
CA ASN B 37 -9.20 -5.56 -30.68
C ASN B 37 -8.19 -4.54 -31.20
N LYS B 38 -6.89 -4.85 -31.17
CA LYS B 38 -5.83 -3.92 -31.64
C LYS B 38 -4.86 -4.74 -32.48
N PRO B 39 -4.34 -4.18 -33.60
CA PRO B 39 -3.32 -4.86 -34.41
C PRO B 39 -2.02 -5.03 -33.62
N VAL B 40 -1.46 -6.25 -33.62
CA VAL B 40 -0.19 -6.58 -32.91
C VAL B 40 0.92 -6.83 -33.93
N ILE B 41 2.02 -6.09 -33.82
CA ILE B 41 3.25 -6.29 -34.62
C ILE B 41 4.29 -7.04 -33.76
N MET B 42 5.08 -7.89 -34.41
CA MET B 42 6.08 -8.79 -33.74
C MET B 42 7.09 -9.27 -34.76
N GLY B 43 8.31 -9.61 -34.31
CA GLY B 43 9.36 -10.23 -35.13
C GLY B 43 9.10 -11.72 -35.31
N ARG B 44 9.87 -12.37 -36.18
CA ARG B 44 9.66 -13.79 -36.54
C ARG B 44 10.03 -14.68 -35.34
N HIS B 45 11.03 -14.30 -34.55
CA HIS B 45 11.44 -15.06 -33.33
C HIS B 45 10.21 -15.15 -32.39
N THR B 46 9.60 -14.01 -32.04
CA THR B 46 8.38 -13.93 -31.17
C THR B 46 7.21 -14.71 -31.79
N TRP B 47 7.09 -14.73 -33.12
CA TRP B 47 6.02 -15.49 -33.84
C TRP B 47 6.20 -17.00 -33.58
N GLU B 48 7.45 -17.46 -33.52
CA GLU B 48 7.82 -18.90 -33.40
C GLU B 48 7.63 -19.32 -31.94
N SER B 49 8.11 -18.48 -31.01
CA SER B 49 7.91 -18.64 -29.56
C SER B 49 6.42 -18.79 -29.26
N ILE B 50 5.56 -17.96 -29.85
CA ILE B 50 4.10 -17.98 -29.54
C ILE B 50 3.47 -19.17 -30.28
N GLY B 51 3.95 -19.46 -31.50
CA GLY B 51 3.65 -20.70 -32.28
C GLY B 51 2.18 -20.89 -32.63
N ARG B 52 1.42 -19.79 -32.75
CA ARG B 52 -0.02 -19.76 -33.13
C ARG B 52 -0.43 -18.31 -33.32
N PRO B 53 -1.43 -17.99 -34.17
CA PRO B 53 -1.97 -16.64 -34.22
C PRO B 53 -2.80 -16.34 -32.96
N LEU B 54 -2.69 -15.09 -32.48
CA LEU B 54 -3.50 -14.53 -31.38
C LEU B 54 -4.84 -14.04 -31.93
N PRO B 55 -5.97 -14.54 -31.39
CA PRO B 55 -7.28 -14.20 -31.91
C PRO B 55 -7.73 -12.79 -31.51
N GLY B 56 -8.75 -12.28 -32.21
CA GLY B 56 -9.33 -10.96 -31.97
C GLY B 56 -8.29 -9.87 -32.10
N ARG B 57 -7.26 -10.13 -32.91
CA ARG B 57 -6.09 -9.24 -33.12
C ARG B 57 -5.51 -9.55 -34.49
N LYS B 58 -5.27 -8.53 -35.31
CA LYS B 58 -4.60 -8.71 -36.63
C LYS B 58 -3.10 -8.97 -36.37
N ASN B 59 -2.61 -10.20 -36.57
CA ASN B 59 -1.21 -10.57 -36.28
C ASN B 59 -0.32 -10.20 -37.48
N ILE B 60 0.37 -9.06 -37.41
CA ILE B 60 1.42 -8.63 -38.37
C ILE B 60 2.79 -9.11 -37.87
N ILE B 61 3.60 -9.74 -38.74
CA ILE B 61 4.90 -10.40 -38.41
C ILE B 61 5.99 -9.74 -39.26
N LEU B 62 7.03 -9.18 -38.62
CA LEU B 62 8.22 -8.63 -39.32
C LEU B 62 9.15 -9.79 -39.69
N SER B 63 9.53 -9.88 -40.97
CA SER B 63 10.54 -10.84 -41.50
C SER B 63 11.03 -10.36 -42.88
N SER B 64 12.33 -10.49 -43.13
CA SER B 64 12.99 -10.17 -44.41
C SER B 64 12.64 -11.23 -45.47
N GLN B 65 12.16 -12.41 -45.04
CA GLN B 65 11.96 -13.62 -45.87
C GLN B 65 10.46 -13.90 -46.07
N PRO B 66 10.08 -14.86 -46.95
CA PRO B 66 8.66 -15.10 -47.26
C PRO B 66 7.88 -15.64 -46.07
N GLY B 67 6.59 -15.31 -45.97
CA GLY B 67 5.65 -15.91 -44.99
C GLY B 67 5.73 -17.43 -45.01
N THR B 68 5.41 -18.08 -43.88
CA THR B 68 5.38 -19.56 -43.72
C THR B 68 4.06 -20.00 -43.09
N ASP B 69 3.07 -19.10 -42.98
CA ASP B 69 1.79 -19.40 -42.29
C ASP B 69 0.79 -18.31 -42.64
N ASP B 70 0.15 -18.38 -43.81
CA ASP B 70 -0.81 -17.33 -44.23
C ASP B 70 -2.14 -17.66 -43.56
N ARG B 71 -2.14 -17.46 -42.24
CA ARG B 71 -3.27 -17.06 -41.36
C ARG B 71 -3.04 -15.65 -40.80
N VAL B 72 -1.83 -15.11 -41.04
CA VAL B 72 -1.35 -13.81 -40.49
C VAL B 72 -0.73 -13.00 -41.63
N THR B 73 -0.54 -11.71 -41.40
CA THR B 73 0.04 -10.72 -42.37
C THR B 73 1.56 -10.70 -42.15
N TRP B 74 2.38 -10.76 -43.20
CA TRP B 74 3.87 -10.65 -43.15
C TRP B 74 4.31 -9.31 -43.75
N VAL B 75 5.46 -8.80 -43.34
CA VAL B 75 5.96 -7.45 -43.75
C VAL B 75 7.50 -7.50 -43.73
N LYS B 76 8.15 -6.69 -44.56
CA LYS B 76 9.62 -6.75 -44.76
C LYS B 76 10.28 -5.54 -44.05
N SER B 77 9.53 -4.44 -43.87
CA SER B 77 10.02 -3.18 -43.25
C SER B 77 9.07 -2.76 -42.11
N VAL B 78 9.43 -1.68 -41.42
CA VAL B 78 8.65 -1.13 -40.27
C VAL B 78 7.44 -0.37 -40.80
N ASP B 79 7.62 0.52 -41.79
CA ASP B 79 6.52 1.32 -42.41
C ASP B 79 5.41 0.38 -42.93
N GLU B 80 5.81 -0.74 -43.55
CA GLU B 80 4.91 -1.81 -44.07
C GLU B 80 4.10 -2.42 -42.92
N ALA B 81 4.73 -2.61 -41.75
CA ALA B 81 4.06 -3.18 -40.56
C ALA B 81 3.05 -2.19 -39.96
N ILE B 82 3.27 -0.88 -40.09
CA ILE B 82 2.32 0.16 -39.61
C ILE B 82 1.12 0.26 -40.55
N ALA B 83 1.36 0.31 -41.85
CA ALA B 83 0.31 0.54 -42.88
C ALA B 83 -0.72 -0.60 -42.81
N ALA B 84 -0.23 -1.82 -42.55
CA ALA B 84 -1.01 -3.07 -42.42
C ALA B 84 -1.94 -3.01 -41.19
N CYS B 85 -1.76 -2.02 -40.30
CA CYS B 85 -2.58 -1.84 -39.08
C CYS B 85 -3.82 -1.04 -39.47
N GLY B 86 -3.74 -0.28 -40.55
CA GLY B 86 -4.85 0.56 -41.04
C GLY B 86 -4.94 1.83 -40.22
N ASP B 87 -6.09 2.51 -40.28
CA ASP B 87 -6.33 3.78 -39.58
C ASP B 87 -6.99 3.42 -38.23
N VAL B 88 -6.19 2.85 -37.32
CA VAL B 88 -6.64 2.37 -35.97
C VAL B 88 -6.23 3.38 -34.92
N PRO B 89 -6.82 3.37 -33.71
CA PRO B 89 -6.43 4.28 -32.65
C PRO B 89 -5.06 3.98 -32.04
N GLU B 90 -4.69 2.69 -31.88
CA GLU B 90 -3.48 2.25 -31.14
C GLU B 90 -2.93 0.95 -31.71
N ILE B 91 -1.66 0.99 -32.15
CA ILE B 91 -0.87 -0.17 -32.64
C ILE B 91 -0.15 -0.79 -31.44
N MET B 92 -0.05 -2.11 -31.35
CA MET B 92 0.60 -2.76 -30.19
C MET B 92 1.81 -3.57 -30.66
N VAL B 93 3.02 -3.10 -30.33
CA VAL B 93 4.30 -3.84 -30.59
C VAL B 93 4.54 -4.78 -29.40
N ILE B 94 4.59 -6.08 -29.69
CA ILE B 94 4.59 -7.17 -28.67
C ILE B 94 5.93 -7.93 -28.68
N GLY B 95 7.01 -7.24 -29.04
CA GLY B 95 8.38 -7.77 -29.02
C GLY B 95 8.71 -8.37 -30.38
N GLY B 96 9.85 -9.06 -30.47
CA GLY B 96 10.80 -9.18 -29.37
C GLY B 96 11.75 -8.00 -29.31
N GLY B 97 13.01 -8.27 -28.91
CA GLY B 97 14.04 -7.27 -28.62
C GLY B 97 14.39 -6.37 -29.80
N ARG B 98 14.70 -6.95 -30.96
CA ARG B 98 15.09 -6.19 -32.20
C ARG B 98 13.92 -5.28 -32.56
N VAL B 99 12.71 -5.82 -32.52
CA VAL B 99 11.48 -5.07 -32.90
C VAL B 99 11.36 -3.89 -31.93
N TYR B 100 11.26 -4.21 -30.64
CA TYR B 100 11.14 -3.25 -29.50
C TYR B 100 12.10 -2.08 -29.69
N GLU B 101 13.35 -2.37 -30.06
CA GLU B 101 14.42 -1.37 -30.26
C GLU B 101 13.97 -0.41 -31.38
N GLN B 102 13.50 -0.97 -32.50
CA GLN B 102 13.19 -0.22 -33.73
C GLN B 102 11.96 0.68 -33.53
N PHE B 103 11.04 0.35 -32.63
CA PHE B 103 9.75 1.08 -32.50
C PHE B 103 9.80 2.16 -31.41
N LEU B 104 10.65 2.01 -30.39
CA LEU B 104 10.64 2.89 -29.19
C LEU B 104 10.55 4.36 -29.63
N PRO B 105 11.32 4.81 -30.65
CA PRO B 105 11.25 6.20 -31.11
C PRO B 105 9.87 6.74 -31.51
N LYS B 106 9.02 5.95 -32.19
CA LYS B 106 7.67 6.42 -32.65
C LYS B 106 6.61 6.08 -31.59
N ALA B 107 6.96 5.16 -30.66
CA ALA B 107 6.12 4.78 -29.49
C ALA B 107 5.74 6.03 -28.70
N GLN B 108 4.51 6.12 -28.20
CA GLN B 108 4.06 7.27 -27.38
C GLN B 108 3.51 6.79 -26.04
N LYS B 109 3.68 5.50 -25.75
CA LYS B 109 3.00 4.79 -24.63
C LYS B 109 3.78 3.52 -24.36
N LEU B 110 3.94 3.12 -23.11
CA LEU B 110 4.59 1.84 -22.73
C LEU B 110 3.71 1.08 -21.73
N TYR B 111 3.53 -0.23 -21.97
N TYR B 111 3.53 -0.23 -21.97
CA TYR B 111 2.82 -1.18 -21.09
CA TYR B 111 2.81 -1.17 -21.08
C TYR B 111 3.83 -2.15 -20.49
C TYR B 111 3.82 -2.15 -20.49
N LEU B 112 4.47 -1.74 -19.40
CA LEU B 112 5.51 -2.55 -18.73
C LEU B 112 4.88 -3.42 -17.64
N THR B 113 5.34 -4.66 -17.57
CA THR B 113 5.16 -5.56 -16.42
C THR B 113 6.52 -5.73 -15.72
N HIS B 114 6.74 -5.04 -14.61
CA HIS B 114 7.95 -5.17 -13.76
C HIS B 114 7.81 -6.43 -12.90
N ILE B 115 8.74 -7.38 -13.06
CA ILE B 115 8.76 -8.69 -12.36
C ILE B 115 9.89 -8.68 -11.32
N ASP B 116 9.55 -8.96 -10.05
CA ASP B 116 10.49 -9.30 -8.95
C ASP B 116 11.13 -10.66 -9.23
N ALA B 117 12.25 -10.67 -9.95
CA ALA B 117 12.99 -11.89 -10.31
C ALA B 117 14.29 -11.52 -11.04
N GLU B 118 15.34 -12.32 -10.83
CA GLU B 118 16.58 -12.33 -11.64
C GLU B 118 16.61 -13.66 -12.39
N VAL B 119 16.95 -13.63 -13.68
N VAL B 119 16.95 -13.63 -13.68
CA VAL B 119 16.82 -14.80 -14.61
CA VAL B 119 16.82 -14.80 -14.61
C VAL B 119 17.90 -14.72 -15.70
C VAL B 119 17.89 -14.71 -15.69
N GLU B 120 18.37 -15.87 -16.17
CA GLU B 120 19.33 -15.99 -17.30
C GLU B 120 18.63 -15.49 -18.57
N GLY B 121 19.20 -14.51 -19.27
CA GLY B 121 18.52 -13.81 -20.39
C GLY B 121 19.46 -13.38 -21.51
N ASP B 122 19.14 -13.76 -22.75
CA ASP B 122 19.89 -13.41 -23.99
C ASP B 122 19.21 -12.25 -24.72
N THR B 123 18.05 -11.79 -24.24
CA THR B 123 17.25 -10.72 -24.90
C THR B 123 16.81 -9.67 -23.87
N HIS B 124 17.16 -8.41 -24.11
CA HIS B 124 16.92 -7.25 -23.20
C HIS B 124 15.94 -6.26 -23.83
N PHE B 125 15.12 -5.61 -23.00
CA PHE B 125 14.27 -4.47 -23.42
C PHE B 125 15.19 -3.27 -23.61
N PRO B 126 14.98 -2.38 -24.62
CA PRO B 126 15.73 -1.13 -24.75
C PRO B 126 15.74 -0.21 -23.51
N ASP B 127 16.71 0.72 -23.48
CA ASP B 127 17.00 1.62 -22.33
C ASP B 127 16.13 2.87 -22.48
N TYR B 128 14.85 2.77 -22.15
CA TYR B 128 13.94 3.95 -22.24
C TYR B 128 14.57 5.06 -21.40
N GLU B 129 14.19 6.28 -21.77
CA GLU B 129 14.87 7.57 -21.47
C GLU B 129 14.13 8.22 -20.29
N PRO B 130 14.12 7.65 -19.05
CA PRO B 130 13.04 7.87 -18.08
C PRO B 130 12.72 9.35 -17.76
N ASP B 131 13.44 10.29 -18.37
CA ASP B 131 13.09 11.74 -18.42
C ASP B 131 12.00 11.96 -19.47
N ASP B 132 12.12 11.37 -20.67
CA ASP B 132 11.18 11.61 -21.81
C ASP B 132 9.95 10.71 -21.66
N TRP B 133 9.85 9.99 -20.55
CA TRP B 133 8.68 9.12 -20.21
C TRP B 133 8.06 9.57 -18.88
N GLU B 134 6.75 9.84 -18.90
CA GLU B 134 5.90 10.13 -17.70
C GLU B 134 5.09 8.87 -17.37
N SER B 135 5.35 8.28 -16.20
CA SER B 135 4.49 7.24 -15.56
C SER B 135 3.17 7.88 -15.14
N VAL B 136 2.06 7.18 -15.39
CA VAL B 136 0.66 7.65 -15.16
C VAL B 136 -0.09 6.64 -14.28
N PHE B 137 0.27 5.35 -14.39
CA PHE B 137 -0.42 4.21 -13.76
C PHE B 137 0.59 3.11 -13.40
N SER B 138 0.30 2.45 -12.28
CA SER B 138 1.13 1.39 -11.65
C SER B 138 0.22 0.56 -10.75
N GLU B 139 0.46 -0.75 -10.71
CA GLU B 139 -0.35 -1.65 -9.89
C GLU B 139 0.53 -2.82 -9.47
N PHE B 140 0.89 -2.84 -8.18
CA PHE B 140 1.71 -3.90 -7.56
C PHE B 140 0.78 -5.06 -7.21
N HIS B 141 1.24 -6.29 -7.44
CA HIS B 141 0.52 -7.55 -7.08
C HIS B 141 1.51 -8.50 -6.36
N ASP B 142 1.10 -8.98 -5.18
CA ASP B 142 1.82 -10.00 -4.38
C ASP B 142 1.85 -11.31 -5.16
N ALA B 143 2.91 -12.10 -5.02
CA ALA B 143 2.99 -13.48 -5.54
C ALA B 143 1.94 -14.34 -4.82
N ASP B 144 1.28 -15.21 -5.61
CA ASP B 144 0.22 -16.15 -5.18
C ASP B 144 0.59 -17.55 -5.69
N ALA B 145 -0.35 -18.51 -5.61
CA ALA B 145 -0.22 -19.93 -6.02
C ALA B 145 0.48 -20.04 -7.38
N GLN B 146 -0.23 -19.70 -8.48
CA GLN B 146 0.18 -19.92 -9.91
C GLN B 146 1.26 -18.91 -10.31
N ASN B 147 1.09 -17.62 -9.96
CA ASN B 147 2.08 -16.56 -10.24
C ASN B 147 3.19 -16.61 -9.18
N SER B 148 4.32 -17.28 -9.49
CA SER B 148 5.41 -17.59 -8.55
C SER B 148 6.16 -16.33 -8.06
N HIS B 149 6.24 -15.25 -8.85
CA HIS B 149 6.98 -14.00 -8.51
C HIS B 149 6.00 -12.84 -8.27
N SER B 150 6.44 -11.77 -7.59
CA SER B 150 5.74 -10.47 -7.53
C SER B 150 5.90 -9.78 -8.89
N TYR B 151 4.81 -9.15 -9.33
CA TYR B 151 4.75 -8.39 -10.60
C TYR B 151 4.17 -7.01 -10.29
N CYS B 152 4.51 -6.04 -11.13
CA CYS B 152 3.93 -4.68 -11.06
C CYS B 152 3.65 -4.16 -12.47
N PHE B 153 2.43 -3.72 -12.72
CA PHE B 153 1.99 -3.15 -14.02
C PHE B 153 2.28 -1.66 -13.97
N GLU B 154 2.79 -1.11 -15.07
CA GLU B 154 2.99 0.34 -15.23
C GLU B 154 2.54 0.74 -16.64
N ILE B 155 1.76 1.81 -16.74
CA ILE B 155 1.58 2.52 -18.03
C ILE B 155 2.38 3.82 -17.98
N LEU B 156 3.29 4.00 -18.94
N LEU B 156 3.30 4.00 -18.93
CA LEU B 156 4.07 5.26 -19.16
CA LEU B 156 4.07 5.26 -19.15
C LEU B 156 3.63 5.87 -20.50
C LEU B 156 3.63 5.88 -20.49
N GLU B 157 4.01 7.14 -20.73
CA GLU B 157 3.56 7.91 -21.92
C GLU B 157 4.62 8.96 -22.28
N ARG B 158 4.92 9.13 -23.58
CA ARG B 158 5.98 10.06 -24.07
C ARG B 158 5.53 11.51 -23.86
N MET C 1 -29.94 12.42 5.61
CA MET C 1 -29.98 12.57 7.10
C MET C 1 -28.62 12.17 7.67
N ILE C 2 -27.82 13.16 8.03
CA ILE C 2 -26.49 12.98 8.68
C ILE C 2 -26.68 13.07 10.20
N SER C 3 -26.19 12.06 10.91
CA SER C 3 -26.18 12.00 12.39
C SER C 3 -24.74 12.19 12.88
N LEU C 4 -24.59 12.72 14.09
CA LEU C 4 -23.35 12.58 14.90
C LEU C 4 -23.63 11.51 15.97
N ILE C 5 -22.73 10.54 16.12
CA ILE C 5 -22.69 9.65 17.33
C ILE C 5 -21.34 9.88 18.01
N ALA C 6 -21.34 10.18 19.31
CA ALA C 6 -20.14 10.50 20.13
C ALA C 6 -20.37 10.12 21.60
N ALA C 7 -19.29 10.20 22.39
CA ALA C 7 -19.19 9.82 23.83
C ALA C 7 -18.51 10.94 24.60
N LEU C 8 -19.28 11.68 25.40
CA LEU C 8 -18.85 12.94 26.07
C LEU C 8 -18.76 12.70 27.58
N ALA C 9 -17.55 12.78 28.14
CA ALA C 9 -17.36 12.98 29.60
C ALA C 9 -17.54 14.46 29.92
N VAL C 10 -17.43 14.83 31.19
CA VAL C 10 -17.75 16.19 31.72
C VAL C 10 -17.04 17.26 30.86
N ASP C 11 -17.65 18.44 30.70
CA ASP C 11 -17.09 19.60 29.95
C ASP C 11 -16.83 19.20 28.48
N ARG C 12 -17.45 18.11 28.00
CA ARG C 12 -17.54 17.68 26.58
C ARG C 12 -16.19 17.15 26.07
N VAL C 13 -15.34 16.66 26.97
CA VAL C 13 -14.08 15.95 26.60
C VAL C 13 -14.46 14.67 25.83
N ILE C 14 -13.95 14.50 24.61
CA ILE C 14 -14.20 13.27 23.80
C ILE C 14 -12.95 12.39 23.72
N GLY C 15 -11.73 12.94 23.83
CA GLY C 15 -10.50 12.15 23.59
C GLY C 15 -9.24 12.79 24.15
N MET C 16 -8.22 11.96 24.38
CA MET C 16 -6.90 12.34 24.96
C MET C 16 -5.80 11.52 24.28
N GLU C 17 -4.80 12.21 23.70
CA GLU C 17 -3.62 11.61 22.99
C GLU C 17 -4.14 10.53 22.04
N ASN C 18 -5.17 10.87 21.25
CA ASN C 18 -5.71 10.00 20.18
C ASN C 18 -6.14 8.63 20.75
N ALA C 19 -6.83 8.62 21.89
CA ALA C 19 -7.66 7.49 22.41
C ALA C 19 -8.93 8.08 23.04
N MET C 20 -9.71 7.23 23.72
CA MET C 20 -10.81 7.69 24.62
C MET C 20 -10.41 7.42 26.06
N PRO C 21 -10.26 8.49 26.88
CA PRO C 21 -9.81 8.35 28.27
C PRO C 21 -10.84 7.70 29.20
N TRP C 22 -11.17 6.43 28.91
CA TRP C 22 -12.20 5.60 29.60
C TRP C 22 -12.29 4.24 28.90
N ASN C 23 -12.94 3.26 29.54
CA ASN C 23 -13.25 1.94 28.95
C ASN C 23 -14.68 1.56 29.31
N LEU C 24 -15.60 1.67 28.34
CA LEU C 24 -17.05 1.37 28.50
C LEU C 24 -17.50 0.38 27.43
N PRO C 25 -17.42 -0.95 27.65
CA PRO C 25 -17.91 -1.91 26.65
C PRO C 25 -19.37 -1.65 26.24
N ALA C 26 -20.12 -0.96 27.11
CA ALA C 26 -21.58 -0.73 27.00
C ALA C 26 -21.83 0.49 26.09
N ASP C 27 -20.77 1.23 25.78
CA ASP C 27 -20.81 2.34 24.80
C ASP C 27 -20.27 1.85 23.46
N LEU C 28 -19.23 1.01 23.43
CA LEU C 28 -18.73 0.38 22.17
C LEU C 28 -19.83 -0.52 21.58
N ALA C 29 -20.68 -1.05 22.46
CA ALA C 29 -21.82 -1.93 22.12
C ALA C 29 -23.00 -1.08 21.65
N TRP C 30 -23.20 0.10 22.25
CA TRP C 30 -24.25 1.06 21.84
C TRP C 30 -23.86 1.64 20.48
N PHE C 31 -22.58 1.99 20.34
CA PHE C 31 -22.02 2.54 19.10
C PHE C 31 -22.36 1.54 18.00
N LYS C 32 -22.07 0.27 18.26
CA LYS C 32 -22.28 -0.80 17.27
C LYS C 32 -23.77 -0.85 16.86
N ARG C 33 -24.71 -0.76 17.81
CA ARG C 33 -26.18 -0.84 17.53
C ARG C 33 -26.59 0.26 16.53
N ASN C 34 -26.11 1.49 16.67
CA ASN C 34 -26.69 2.63 15.93
C ASN C 34 -25.90 2.95 14.67
N THR C 35 -24.83 2.20 14.38
CA THR C 35 -24.00 2.39 13.15
C THR C 35 -24.07 1.16 12.23
N LEU C 36 -24.18 -0.04 12.81
CA LEU C 36 -24.07 -1.31 12.06
C LEU C 36 -25.09 -1.30 10.93
N ASN C 37 -24.67 -1.69 9.72
CA ASN C 37 -25.44 -1.65 8.45
C ASN C 37 -25.63 -0.20 7.98
N LYS C 38 -24.68 0.71 8.26
CA LYS C 38 -24.71 2.11 7.72
C LYS C 38 -23.31 2.53 7.32
N PRO C 39 -23.19 3.54 6.44
CA PRO C 39 -21.91 4.22 6.24
C PRO C 39 -21.47 5.00 7.49
N VAL C 40 -20.16 5.00 7.76
CA VAL C 40 -19.49 5.75 8.87
C VAL C 40 -18.44 6.68 8.27
N ILE C 41 -18.40 7.92 8.74
CA ILE C 41 -17.43 8.95 8.31
C ILE C 41 -16.60 9.38 9.52
N MET C 42 -15.27 9.36 9.36
CA MET C 42 -14.26 9.64 10.40
C MET C 42 -13.10 10.44 9.76
N GLY C 43 -12.33 11.15 10.59
CA GLY C 43 -11.08 11.82 10.22
C GLY C 43 -9.90 10.88 10.34
N ARG C 44 -8.71 11.26 9.83
CA ARG C 44 -7.58 10.32 9.72
C ARG C 44 -7.11 9.90 11.11
N HIS C 45 -7.13 10.81 12.10
CA HIS C 45 -6.74 10.53 13.50
C HIS C 45 -7.65 9.41 14.03
N THR C 46 -8.97 9.61 14.06
CA THR C 46 -9.97 8.61 14.58
C THR C 46 -9.76 7.23 13.93
N TRP C 47 -9.37 7.21 12.65
CA TRP C 47 -9.14 5.99 11.85
C TRP C 47 -7.91 5.22 12.38
N GLU C 48 -6.88 5.97 12.78
CA GLU C 48 -5.60 5.43 13.34
C GLU C 48 -5.85 4.94 14.77
N SER C 49 -6.58 5.74 15.56
CA SER C 49 -7.04 5.43 16.95
C SER C 49 -7.91 4.17 16.99
N ILE C 50 -8.55 3.81 15.88
CA ILE C 50 -9.34 2.54 15.78
C ILE C 50 -8.42 1.46 15.17
N GLY C 51 -7.66 1.82 14.14
CA GLY C 51 -6.66 0.94 13.49
C GLY C 51 -7.24 -0.34 12.91
N ARG C 52 -8.44 -0.29 12.34
CA ARG C 52 -9.06 -1.43 11.61
C ARG C 52 -10.41 -1.01 11.02
N PRO C 53 -10.83 -1.54 9.83
CA PRO C 53 -12.16 -1.27 9.30
C PRO C 53 -13.22 -1.88 10.22
N LEU C 54 -14.23 -1.08 10.56
CA LEU C 54 -15.43 -1.49 11.34
C LEU C 54 -16.30 -2.37 10.45
N PRO C 55 -16.50 -3.67 10.76
CA PRO C 55 -17.13 -4.59 9.82
C PRO C 55 -18.64 -4.32 9.71
N GLY C 56 -19.24 -4.75 8.60
CA GLY C 56 -20.67 -4.55 8.31
C GLY C 56 -21.03 -3.08 8.30
N ARG C 57 -20.13 -2.25 7.77
CA ARG C 57 -20.28 -0.78 7.62
C ARG C 57 -19.38 -0.36 6.46
N LYS C 58 -19.76 0.67 5.71
CA LYS C 58 -18.84 1.30 4.74
C LYS C 58 -17.97 2.30 5.52
N ASN C 59 -16.64 2.17 5.42
CA ASN C 59 -15.67 3.03 6.14
C ASN C 59 -15.20 4.12 5.18
N ILE C 60 -15.59 5.38 5.44
CA ILE C 60 -15.17 6.58 4.66
C ILE C 60 -14.28 7.45 5.55
N ILE C 61 -13.05 7.73 5.11
CA ILE C 61 -11.98 8.41 5.88
C ILE C 61 -11.65 9.75 5.23
N LEU C 62 -11.86 10.85 5.95
CA LEU C 62 -11.38 12.20 5.55
C LEU C 62 -9.89 12.30 5.87
N SER C 63 -9.10 12.84 4.93
CA SER C 63 -7.61 12.90 4.90
C SER C 63 -7.18 13.64 3.63
N SER C 64 -6.55 14.82 3.79
CA SER C 64 -6.04 15.65 2.68
C SER C 64 -4.84 14.96 2.01
N GLN C 65 -4.45 13.77 2.48
CA GLN C 65 -3.30 12.98 1.94
C GLN C 65 -3.80 11.66 1.37
N PRO C 66 -3.07 11.04 0.41
N PRO C 66 -3.06 11.04 0.41
CA PRO C 66 -3.50 9.79 -0.23
CA PRO C 66 -3.50 9.80 -0.22
C PRO C 66 -3.84 8.65 0.75
C PRO C 66 -3.84 8.66 0.74
N GLY C 67 -4.61 7.68 0.27
CA GLY C 67 -5.04 6.51 1.04
C GLY C 67 -3.88 5.62 1.41
N THR C 68 -3.96 4.97 2.59
CA THR C 68 -2.94 4.08 3.19
C THR C 68 -3.51 2.65 3.33
N ASP C 69 -4.77 2.43 2.96
CA ASP C 69 -5.51 1.16 3.17
C ASP C 69 -6.44 0.93 1.97
N ASP C 70 -6.56 -0.32 1.50
CA ASP C 70 -7.48 -0.73 0.41
C ASP C 70 -8.90 -0.80 0.95
N ARG C 71 -9.07 -1.59 2.02
CA ARG C 71 -10.35 -2.14 2.53
C ARG C 71 -11.21 -1.04 3.17
N VAL C 72 -10.83 0.23 2.99
CA VAL C 72 -11.72 1.40 3.28
C VAL C 72 -11.57 2.44 2.16
N THR C 73 -12.47 3.42 2.20
CA THR C 73 -12.67 4.47 1.18
C THR C 73 -12.06 5.78 1.69
N TRP C 74 -11.30 6.49 0.85
CA TRP C 74 -10.53 7.72 1.20
C TRP C 74 -11.11 8.89 0.42
N VAL C 75 -11.24 10.05 1.04
CA VAL C 75 -11.98 11.23 0.50
C VAL C 75 -11.35 12.48 1.09
N LYS C 76 -11.43 13.62 0.40
CA LYS C 76 -10.59 14.79 0.73
C LYS C 76 -11.41 16.03 1.11
N SER C 77 -12.74 15.97 0.92
N SER C 77 -12.74 15.97 0.93
CA SER C 77 -13.67 17.09 1.24
CA SER C 77 -13.67 17.09 1.24
C SER C 77 -14.92 16.53 1.92
C SER C 77 -14.92 16.53 1.92
N VAL C 78 -15.68 17.39 2.61
CA VAL C 78 -16.95 17.03 3.29
C VAL C 78 -17.82 16.33 2.24
N ASP C 79 -18.02 16.99 1.09
CA ASP C 79 -19.06 16.65 0.08
C ASP C 79 -18.69 15.32 -0.60
N GLU C 80 -17.40 15.13 -0.93
CA GLU C 80 -16.87 13.86 -1.52
C GLU C 80 -17.17 12.70 -0.57
N ALA C 81 -17.14 12.96 0.74
CA ALA C 81 -17.38 11.98 1.83
C ALA C 81 -18.84 11.56 1.87
N ILE C 82 -19.77 12.50 1.65
CA ILE C 82 -21.24 12.24 1.70
C ILE C 82 -21.64 11.34 0.51
N ALA C 83 -21.20 11.70 -0.69
CA ALA C 83 -21.52 10.99 -1.97
C ALA C 83 -21.02 9.55 -1.90
N ALA C 84 -19.96 9.29 -1.14
CA ALA C 84 -19.36 7.96 -0.96
C ALA C 84 -20.31 7.04 -0.20
N CYS C 85 -21.23 7.60 0.59
CA CYS C 85 -22.18 6.83 1.44
C CYS C 85 -23.21 6.13 0.56
N GLY C 86 -23.73 6.88 -0.43
CA GLY C 86 -24.76 6.42 -1.37
C GLY C 86 -26.07 7.19 -1.18
N ASP C 87 -27.16 6.64 -1.71
CA ASP C 87 -28.53 7.11 -1.42
C ASP C 87 -29.04 6.25 -0.25
N VAL C 88 -28.53 6.51 0.96
CA VAL C 88 -28.91 5.75 2.19
C VAL C 88 -29.71 6.67 3.10
N PRO C 89 -30.53 6.07 4.00
CA PRO C 89 -31.38 6.81 4.93
C PRO C 89 -30.59 7.67 5.92
N GLU C 90 -29.60 7.04 6.57
CA GLU C 90 -28.78 7.68 7.63
C GLU C 90 -27.29 7.43 7.36
N ILE C 91 -26.56 8.54 7.37
CA ILE C 91 -25.07 8.64 7.38
C ILE C 91 -24.64 8.85 8.82
N MET C 92 -23.63 8.09 9.28
CA MET C 92 -23.11 8.15 10.67
C MET C 92 -21.73 8.82 10.68
N VAL C 93 -21.63 10.00 11.31
CA VAL C 93 -20.34 10.72 11.58
C VAL C 93 -19.84 10.32 12.98
N ILE C 94 -18.69 9.65 13.04
CA ILE C 94 -18.21 8.89 14.24
C ILE C 94 -16.88 9.44 14.76
N GLY C 95 -16.62 10.74 14.55
CA GLY C 95 -15.49 11.49 15.15
C GLY C 95 -14.37 11.76 14.14
N GLY C 96 -13.34 12.51 14.55
CA GLY C 96 -13.25 13.12 15.86
C GLY C 96 -13.61 14.59 15.83
N GLY C 97 -13.15 15.33 16.85
CA GLY C 97 -13.52 16.73 17.14
C GLY C 97 -13.46 17.63 15.92
N ARG C 98 -12.48 17.45 15.03
CA ARG C 98 -12.35 18.28 13.80
C ARG C 98 -13.52 17.95 12.87
N VAL C 99 -13.79 16.66 12.69
CA VAL C 99 -14.86 16.16 11.78
C VAL C 99 -16.21 16.65 12.33
N TYR C 100 -16.48 16.37 13.61
CA TYR C 100 -17.75 16.78 14.28
C TYR C 100 -18.01 18.25 14.00
N GLU C 101 -17.01 19.12 14.18
CA GLU C 101 -17.13 20.59 13.99
C GLU C 101 -17.67 20.90 12.59
N GLN C 102 -17.18 20.19 11.56
CA GLN C 102 -17.55 20.45 10.15
C GLN C 102 -18.97 19.97 9.89
N PHE C 103 -19.37 18.83 10.45
CA PHE C 103 -20.63 18.11 10.09
C PHE C 103 -21.84 18.56 10.93
N LEU C 104 -21.67 19.21 12.09
CA LEU C 104 -22.80 19.54 13.01
C LEU C 104 -23.85 20.39 12.29
N PRO C 105 -23.45 21.41 11.50
CA PRO C 105 -24.40 22.19 10.68
C PRO C 105 -25.45 21.42 9.88
N LYS C 106 -25.07 20.30 9.26
CA LYS C 106 -25.89 19.58 8.23
C LYS C 106 -26.34 18.21 8.78
N ALA C 107 -26.38 18.07 10.12
CA ALA C 107 -26.83 16.86 10.83
C ALA C 107 -28.15 17.15 11.56
N GLN C 108 -29.16 16.30 11.44
CA GLN C 108 -30.51 16.53 12.04
C GLN C 108 -30.66 15.74 13.34
N LYS C 109 -29.66 14.93 13.70
CA LYS C 109 -29.78 13.93 14.78
C LYS C 109 -28.41 13.75 15.45
N LEU C 110 -28.40 13.64 16.80
CA LEU C 110 -27.20 13.39 17.64
C LEU C 110 -27.42 12.12 18.47
N TYR C 111 -26.48 11.19 18.44
CA TYR C 111 -26.45 10.07 19.41
C TYR C 111 -25.29 10.30 20.38
N LEU C 112 -25.62 10.86 21.53
CA LEU C 112 -24.65 11.11 22.63
C LEU C 112 -24.60 9.91 23.56
N THR C 113 -23.48 9.76 24.25
CA THR C 113 -23.31 8.98 25.49
C THR C 113 -22.72 9.94 26.54
N HIS C 114 -23.52 10.42 27.50
CA HIS C 114 -23.03 11.30 28.60
C HIS C 114 -22.31 10.42 29.64
N ILE C 115 -20.98 10.58 29.78
CA ILE C 115 -20.14 9.76 30.71
C ILE C 115 -19.89 10.58 31.98
N ASP C 116 -20.36 10.07 33.12
CA ASP C 116 -20.35 10.76 34.43
C ASP C 116 -18.93 10.59 35.03
N ALA C 117 -18.02 11.52 34.69
CA ALA C 117 -16.54 11.44 34.88
C ALA C 117 -15.86 12.73 34.40
N GLU C 118 -14.81 13.20 35.13
CA GLU C 118 -13.82 14.22 34.68
C GLU C 118 -12.54 13.49 34.27
N VAL C 119 -12.00 13.82 33.10
CA VAL C 119 -10.76 13.20 32.57
C VAL C 119 -10.01 14.26 31.77
N GLU C 120 -8.67 14.18 31.75
CA GLU C 120 -7.78 15.05 30.92
C GLU C 120 -8.09 14.77 29.45
N GLY C 121 -8.17 15.82 28.62
CA GLY C 121 -8.50 15.67 27.19
C GLY C 121 -7.99 16.81 26.31
N ASP C 122 -7.49 16.46 25.13
CA ASP C 122 -7.04 17.40 24.06
C ASP C 122 -8.18 17.69 23.08
N THR C 123 -9.18 16.79 22.99
CA THR C 123 -10.31 16.89 22.00
C THR C 123 -11.66 17.07 22.73
N HIS C 124 -12.45 18.04 22.27
CA HIS C 124 -13.81 18.39 22.77
C HIS C 124 -14.88 18.12 21.69
N PHE C 125 -16.11 17.79 22.12
CA PHE C 125 -17.30 17.76 21.21
C PHE C 125 -17.68 19.21 20.95
N PRO C 126 -18.10 19.57 19.72
CA PRO C 126 -18.62 20.91 19.44
C PRO C 126 -19.67 21.34 20.49
N ASP C 127 -19.87 22.65 20.61
CA ASP C 127 -20.83 23.28 21.56
C ASP C 127 -22.17 23.40 20.85
N TYR C 128 -22.95 22.31 20.81
CA TYR C 128 -24.31 22.26 20.21
C TYR C 128 -25.25 23.14 21.04
N GLU C 129 -25.98 24.04 20.41
CA GLU C 129 -26.92 24.98 21.07
C GLU C 129 -28.20 24.23 21.46
N PRO C 130 -28.40 23.82 22.74
CA PRO C 130 -29.59 23.03 23.10
C PRO C 130 -30.93 23.72 22.79
N ASP C 131 -30.91 24.99 22.39
CA ASP C 131 -32.10 25.73 21.88
C ASP C 131 -32.52 25.19 20.51
N ASP C 132 -31.59 24.58 19.75
CA ASP C 132 -31.78 24.10 18.34
C ASP C 132 -32.15 22.61 18.31
N TRP C 133 -31.96 21.91 19.43
CA TRP C 133 -32.08 20.44 19.52
C TRP C 133 -33.30 20.05 20.36
N GLU C 134 -33.76 18.80 20.25
CA GLU C 134 -34.92 18.28 21.00
C GLU C 134 -34.60 16.84 21.44
N SER C 135 -34.34 16.66 22.75
CA SER C 135 -34.20 15.34 23.41
C SER C 135 -35.42 14.48 23.10
N VAL C 136 -35.21 13.32 22.47
CA VAL C 136 -36.31 12.40 22.09
C VAL C 136 -36.20 11.12 22.92
N PHE C 137 -35.04 10.88 23.52
CA PHE C 137 -34.74 9.60 24.21
C PHE C 137 -33.58 9.84 25.16
N SER C 138 -33.64 9.14 26.29
CA SER C 138 -32.58 9.06 27.33
C SER C 138 -32.75 7.75 28.08
N GLU C 139 -31.63 7.22 28.57
CA GLU C 139 -31.51 5.86 29.10
C GLU C 139 -30.23 5.85 29.93
N PHE C 140 -30.39 6.14 31.23
CA PHE C 140 -29.33 6.21 32.26
C PHE C 140 -28.98 4.78 32.69
N HIS C 141 -27.72 4.54 33.05
N HIS C 141 -27.72 4.54 33.05
CA HIS C 141 -27.20 3.24 33.54
CA HIS C 141 -27.20 3.24 33.54
C HIS C 141 -26.21 3.47 34.68
C HIS C 141 -26.21 3.47 34.68
N ASP C 142 -26.41 2.79 35.82
CA ASP C 142 -25.44 2.79 36.95
C ASP C 142 -24.14 2.11 36.48
N ALA C 143 -23.01 2.58 36.97
CA ALA C 143 -21.70 1.88 36.95
C ALA C 143 -21.96 0.39 37.28
N ASP C 144 -21.25 -0.52 36.63
CA ASP C 144 -21.24 -1.96 37.00
C ASP C 144 -19.82 -2.53 36.94
N ALA C 145 -19.69 -3.85 37.09
CA ALA C 145 -18.44 -4.64 37.00
C ALA C 145 -17.57 -4.10 35.86
N GLN C 146 -18.10 -4.14 34.63
CA GLN C 146 -17.35 -3.97 33.35
C GLN C 146 -17.30 -2.50 32.93
N ASN C 147 -18.19 -1.66 33.49
CA ASN C 147 -18.38 -0.24 33.08
C ASN C 147 -18.10 0.66 34.29
N SER C 148 -16.83 1.10 34.44
CA SER C 148 -16.25 1.76 35.65
C SER C 148 -17.02 3.02 36.03
N HIS C 149 -17.44 3.86 35.08
CA HIS C 149 -18.29 5.06 35.34
C HIS C 149 -19.75 4.73 35.01
N SER C 150 -20.68 5.57 35.47
CA SER C 150 -22.08 5.58 34.99
C SER C 150 -22.13 6.41 33.69
N TYR C 151 -23.16 6.16 32.87
CA TYR C 151 -23.34 6.70 31.49
C TYR C 151 -24.84 6.82 31.18
N CYS C 152 -25.21 7.84 30.41
CA CYS C 152 -26.60 8.08 29.93
C CYS C 152 -26.61 8.24 28.40
N PHE C 153 -27.30 7.34 27.70
CA PHE C 153 -27.58 7.47 26.25
C PHE C 153 -28.61 8.60 26.07
N GLU C 154 -28.50 9.36 24.99
CA GLU C 154 -29.50 10.41 24.65
C GLU C 154 -29.48 10.63 23.15
N ILE C 155 -30.66 10.62 22.53
CA ILE C 155 -30.84 11.01 21.11
C ILE C 155 -31.54 12.37 21.07
N LEU C 156 -31.10 13.26 20.19
CA LEU C 156 -31.71 14.60 20.04
C LEU C 156 -32.00 14.86 18.56
N GLU C 157 -33.00 15.70 18.28
CA GLU C 157 -33.46 16.05 16.90
C GLU C 157 -33.51 17.59 16.75
N ARG C 158 -33.26 18.08 15.53
CA ARG C 158 -33.20 19.51 15.17
C ARG C 158 -34.60 20.13 15.14
N ARG D . -3.47 -13.14 8.80
CA ARG D . -4.81 -13.73 8.62
C ARG D . -4.88 -15.04 9.40
O ARG D . -4.87 -14.97 10.61
CB ARG D . -5.11 -13.97 7.13
CG ARG D . -5.37 -12.71 6.31
CD ARG D . -5.94 -13.00 4.93
NE ARG D . -4.91 -13.32 3.93
CZ ARG D . -4.87 -12.84 2.68
NH1 ARG D . -3.88 -13.21 1.88
NH2 ARG D . -5.77 -11.99 2.22
PA NAP E . 21.25 -7.84 13.81
O1A NAP E . 19.92 -8.50 13.72
O2A NAP E . 21.39 -6.36 14.01
O5B NAP E . 22.13 -8.59 14.91
C5B NAP E . 21.52 -9.36 15.96
C4B NAP E . 22.36 -9.25 17.20
O4B NAP E . 21.56 -8.66 18.25
C3B NAP E . 22.88 -10.57 17.78
O3B NAP E . 24.14 -10.92 17.24
C2B NAP E . 22.98 -10.23 19.26
O2B NAP E . 24.07 -9.38 19.59
C1B NAP E . 21.71 -9.40 19.44
N9A NAP E . 20.51 -10.17 19.72
C8A NAP E . 19.42 -10.39 18.92
N7A NAP E . 18.47 -11.08 19.49
C5A NAP E . 18.96 -11.34 20.77
C6A NAP E . 18.42 -12.04 21.87
N6A NAP E . 17.23 -12.61 21.87
N1A NAP E . 19.17 -12.09 22.99
C2A NAP E . 20.37 -11.49 23.00
N3A NAP E . 20.98 -10.82 22.03
C4A NAP E . 20.22 -10.78 20.92
O3 NAP E . 22.03 -8.18 12.48
PN NAP E . 22.23 -9.52 11.61
O1N NAP E . 20.99 -10.35 11.64
O2N NAP E . 23.52 -10.16 12.01
O5D NAP E . 22.40 -8.81 10.18
C5D NAP E . 22.02 -7.42 10.03
C4D NAP E . 22.10 -7.06 8.57
O4D NAP E . 20.82 -6.57 8.13
C3D NAP E . 23.11 -5.98 8.21
O3D NAP E . 23.74 -6.37 6.98
C2D NAP E . 22.24 -4.73 8.08
O2D NAP E . 22.76 -3.74 7.21
C1D NAP E . 20.97 -5.31 7.49
N1N NAP E . 19.76 -4.48 7.74
C2N NAP E . 19.15 -3.84 6.70
C3N NAP E . 17.85 -3.38 6.87
C7N NAP E . 16.95 -3.32 5.69
O7N NAP E . 16.83 -4.31 4.96
N7N NAP E . 16.32 -2.17 5.47
C4N NAP E . 17.44 -3.03 8.15
C5N NAP E . 18.17 -3.51 9.23
C6N NAP E . 19.23 -4.34 8.99
P2B NAP E . 25.16 -9.95 20.63
O1X NAP E . 24.53 -10.86 21.67
O2X NAP E . 26.19 -10.65 19.75
O3X NAP E . 25.71 -8.67 21.26
C1 TOP F . 15.65 1.37 6.73
N2 TOP F . 14.79 1.34 5.70
C3 TOP F . 13.84 0.38 5.72
N4 TOP F . 12.97 0.32 4.72
N5 TOP F . 13.72 -0.54 6.71
C6 TOP F . 14.59 -0.49 7.73
N7 TOP F . 14.44 -1.42 8.70
C8 TOP F . 15.61 0.47 7.78
C9 TOP F . 16.58 0.53 8.95
C10 TOP F . 17.90 1.22 8.69
C11 TOP F . 17.99 2.61 8.68
C12 TOP F . 19.21 3.24 8.44
O13 TOP F . 19.40 4.60 8.40
C14 TOP F . 18.39 5.43 8.98
C15 TOP F . 20.35 2.47 8.20
O16 TOP F . 21.55 3.12 7.95
C17 TOP F . 21.64 3.73 6.67
C18 TOP F . 20.27 1.07 8.22
O19 TOP F . 21.43 0.39 7.99
C20 TOP F . 21.39 -1.03 8.01
C21 TOP F . 19.05 0.46 8.48
S SO4 G . 4.28 -15.99 8.97
O1 SO4 G . 5.24 -16.64 9.81
O2 SO4 G . 3.62 -14.95 9.72
O3 SO4 G . 4.94 -15.41 7.83
O4 SO4 G . 3.30 -16.94 8.52
S SO4 H . 17.43 10.91 10.96
O1 SO4 H . 17.65 9.49 10.89
O2 SO4 H . 16.26 11.18 11.76
O3 SO4 H . 18.57 11.52 11.59
O4 SO4 H . 17.25 11.48 9.64
N ARG I . 7.54 12.80 -23.26
CA ARG I . 6.90 14.14 -23.08
C ARG I . 7.44 15.07 -24.18
O ARG I . 8.63 14.94 -24.46
CB ARG I . 7.21 14.71 -21.69
CG ARG I . 7.57 13.68 -20.61
CD ARG I . 7.90 14.37 -19.30
NE ARG I . 8.83 13.61 -18.48
CZ ARG I . 8.63 13.20 -17.22
NH1 ARG I . 7.49 13.49 -16.57
NH2 ARG I . 9.57 12.52 -16.59
PA NAP J . 12.34 -10.62 -32.51
O1A NAP J . 12.53 -9.21 -32.05
O2A NAP J . 11.13 -11.39 -32.12
O5B NAP J . 12.48 -10.67 -34.09
C5B NAP J . 13.73 -10.44 -34.79
C4B NAP J . 13.58 -11.04 -36.17
O4B NAP J . 12.42 -10.44 -36.79
C3B NAP J . 14.75 -10.83 -37.14
O3B NAP J . 15.64 -11.94 -37.09
C2B NAP J . 14.04 -10.77 -38.48
O2B NAP J . 13.66 -12.06 -38.97
C1B NAP J . 12.75 -10.03 -38.10
N9A NAP J . 12.87 -8.59 -38.14
C8A NAP J . 12.93 -7.70 -37.10
N7A NAP J . 12.98 -6.44 -37.49
C5A NAP J . 12.96 -6.51 -38.88
C6A NAP J . 12.99 -5.53 -39.89
N6A NAP J . 13.04 -4.23 -39.66
N1A NAP J . 12.95 -5.95 -41.18
C2A NAP J . 12.89 -7.27 -41.42
N3A NAP J . 12.85 -8.28 -40.56
C4A NAP J . 12.88 -7.83 -39.29
O3 NAP J . 13.60 -11.48 -32.03
PN NAP J . 14.52 -11.24 -30.74
O1N NAP J . 14.09 -9.99 -30.04
O2N NAP J . 15.96 -11.33 -31.16
O5D NAP J . 14.12 -12.51 -29.85
C5D NAP J . 12.82 -12.46 -29.23
C4D NAP J . 12.98 -12.75 -27.76
O4D NAP J . 12.13 -11.87 -27.00
C3D NAP J . 12.58 -14.18 -27.35
O3D NAP J . 13.47 -14.66 -26.34
C2D NAP J . 11.16 -13.95 -26.82
O2D NAP J . 10.80 -14.98 -25.92
C1D NAP J . 11.28 -12.61 -26.13
N1N NAP J . 9.99 -11.86 -25.95
C2N NAP J . 9.69 -11.34 -24.70
C3N NAP J . 8.55 -10.56 -24.50
C7N NAP J . 8.21 -10.18 -23.07
O7N NAP J . 8.41 -9.03 -22.67
N7N NAP J . 7.75 -11.13 -22.27
C4N NAP J . 7.80 -10.18 -25.60
C5N NAP J . 8.08 -10.74 -26.84
C6N NAP J . 9.13 -11.64 -26.96
P2B NAP J . 14.21 -12.44 -40.43
O1X NAP J . 14.48 -11.20 -41.25
O2X NAP J . 15.48 -13.17 -40.08
O3X NAP J . 13.20 -13.34 -41.10
C1 TOP K . 3.63 -10.93 -23.20
N2 TOP K . 3.46 -10.24 -22.07
C3 TOP K . 3.65 -8.90 -22.15
N4 TOP K . 3.48 -8.16 -21.04
N5 TOP K . 4.01 -8.23 -23.26
C6 TOP K . 4.18 -8.95 -24.39
N7 TOP K . 4.53 -8.27 -25.50
C8 TOP K . 4.00 -10.35 -24.41
C9 TOP K . 4.18 -11.13 -25.69
C10 TOP K . 4.13 -12.63 -25.61
C11 TOP K . 2.93 -13.31 -25.34
C12 TOP K . 2.91 -14.69 -25.29
O13 TOP K . 1.80 -15.45 -25.02
C14 TOP K . 0.53 -14.79 -25.02
C15 TOP K . 4.08 -15.44 -25.49
O16 TOP K . 4.05 -16.82 -25.48
C17 TOP K . 4.27 -17.45 -24.21
C18 TOP K . 5.27 -14.75 -25.78
O19 TOP K . 6.38 -15.53 -25.98
C20 TOP K . 7.63 -14.85 -26.14
C21 TOP K . 5.28 -13.37 -25.82
S SO4 L . -5.29 -16.19 -26.38
O1 SO4 L . -4.97 -17.57 -26.10
O2 SO4 L . -5.76 -15.56 -25.17
O3 SO4 L . -4.12 -15.52 -26.86
O4 SO4 L . -6.33 -16.13 -27.36
PA NAP M . -10.06 13.57 13.65
O1A NAP M . -11.27 14.47 13.66
O2A NAP M . -10.16 12.10 13.89
O5B NAP M . -9.29 13.81 12.28
C5B NAP M . -9.30 15.08 11.62
C4B NAP M . -8.38 14.95 10.45
O4B NAP M . -9.13 14.45 9.32
C3B NAP M . -7.68 16.22 9.95
O3B NAP M . -6.53 16.51 10.72
C2B NAP M . -7.36 15.80 8.52
O2B NAP M . -6.25 14.90 8.49
C1B NAP M . -8.66 15.09 8.15
N9A NAP M . -9.69 15.99 7.68
C8A NAP M . -10.73 16.55 8.39
N7A NAP M . -11.48 17.34 7.66
C5A NAP M . -10.89 17.31 6.40
C6A NAP M . -11.21 17.94 5.18
N6A NAP M . -12.25 18.77 5.03
N1A NAP M . -10.41 17.70 4.12
C2A NAP M . -9.37 16.88 4.27
N3A NAP M . -8.98 16.21 5.36
C4A NAP M . -9.79 16.48 6.40
O3 NAP M . -9.03 14.15 14.70
PN NAP M . -9.30 15.12 15.94
O1N NAP M . -10.26 16.17 15.49
O2N NAP M . -7.98 15.52 16.49
O5D NAP M . -10.04 14.14 16.98
C5D NAP M . -9.45 12.86 17.35
C4D NAP M . -9.58 12.69 18.84
O4D NAP M . -10.97 12.58 19.19
C3D NAP M . -8.93 11.42 19.41
O3D NAP M . -8.56 11.60 20.77
C2D NAP M . -10.06 10.42 19.28
O2D NAP M . -9.86 9.29 20.10
C1D NAP M . -11.23 11.29 19.77
N1N NAP M . -12.59 10.78 19.35
C2N NAP M . -13.62 10.72 20.26
C3N NAP M . -14.78 10.01 19.95
C7N NAP M . -15.79 9.70 21.03
O7N NAP M . -15.97 10.49 21.96
N7N NAP M . -16.45 8.57 20.93
C4N NAP M . -14.99 9.59 18.64
C5N NAP M . -13.92 9.59 17.77
C6N NAP M . -12.81 10.35 18.07
P2B NAP M . -5.18 15.05 7.26
O1X NAP M . -5.57 16.20 6.33
O2X NAP M . -3.91 15.33 8.01
O3X NAP M . -5.10 13.72 6.53
C1 TOP N . -17.45 5.40 20.06
N2 TOP N . -18.48 5.52 20.91
C3 TOP N . -19.44 6.44 20.58
N4 TOP N . -20.48 6.57 21.40
N5 TOP N . -19.40 7.21 19.48
C6 TOP N . -18.35 7.07 18.65
N7 TOP N . -18.33 7.85 17.56
C8 TOP N . -17.32 6.15 18.90
C9 TOP N . -16.15 6.01 17.95
C10 TOP N . -15.01 5.10 18.35
C11 TOP N . -15.17 3.71 18.37
C12 TOP N . -14.12 2.88 18.73
O13 TOP N . -14.18 1.52 18.79
C14 TOP N . -14.82 0.85 17.71
C15 TOP N . -12.88 3.43 19.08
O16 TOP N . -11.84 2.59 19.42
C17 TOP N . -11.89 2.11 20.76
C18 TOP N . -12.72 4.82 19.03
O19 TOP N . -11.48 5.27 19.37
C20 TOP N . -11.30 6.69 19.40
C21 TOP N . -13.77 5.64 18.67
S SO4 O . -16.98 -4.57 15.83
O1 SO4 O . -16.03 -5.63 15.58
O2 SO4 O . -17.48 -4.72 17.17
O3 SO4 O . -16.34 -3.28 15.70
O4 SO4 O . -18.07 -4.65 14.90
#